data_6QM0
#
_entry.id   6QM0
#
_cell.length_a   34.737
_cell.length_b   52.285
_cell.length_c   57.568
_cell.angle_alpha   74.160
_cell.angle_beta   76.270
_cell.angle_gamma   84.600
#
_symmetry.space_group_name_H-M   'P 1'
#
loop_
_entity.id
_entity.type
_entity.pdbx_description
1 polymer 'Cathepsin K'
2 non-polymer '(CARBAMOYLMETHYL-CARBOXYMETHYL-AMINO)-ACETIC ACID'
3 non-polymer ~{N}-[(2~{S})-1-[(3~{R},3~{a}~{R},6~{R},6~{a}~{R})-6-azanyl-3-oxidanyl-2,3,3~{a},5,6,6~{a}-hexahydrofuro[3,2-b]pyrrol-4-yl]-4-methyl-1-oxidanylidene-pentan-2-yl]-3-fluoranyl-4-[2-(4-methylpiperazin-1-yl)-1,3-thiazol-4-yl]benzamide
4 water water
#
_entity_poly.entity_id   1
_entity_poly.type   'polypeptide(L)'
_entity_poly.pdbx_seq_one_letter_code
;RAPDSVDYRKKGYVTPVKNQGQCGSCWAFSSVGALEGQLKKKTGKLLNLSPQNLVDCVSENDGCGGGYMTNAFQYVQKNR
GIDSEDAYPYVGQEESCMYNPTGKAAKCRGYREIPEGNEKALKRAVARVGPVSVAIDASLTSFQFYSKGVYYDESCNSDN
LNHAVLAVGYGIQKGNKHWIIKNSWGENWGNKGYILMARNKNNACGIANLASFPKM
;
_entity_poly.pdbx_strand_id   A,B
#
# COMPACT_ATOMS: atom_id res chain seq x y z
N ARG A 1 21.00 2.46 -29.33
CA ARG A 1 19.93 1.47 -29.56
C ARG A 1 19.91 0.52 -28.38
N ALA A 2 18.73 0.17 -27.85
CA ALA A 2 18.60 -0.77 -26.70
C ALA A 2 19.11 -2.13 -27.17
N PRO A 3 19.84 -2.88 -26.31
CA PRO A 3 20.40 -4.15 -26.74
C PRO A 3 19.33 -5.14 -27.17
N ASP A 4 19.72 -6.06 -28.06
CA ASP A 4 18.81 -7.14 -28.53
C ASP A 4 18.61 -8.11 -27.37
N SER A 5 19.57 -8.22 -26.47
CA SER A 5 19.46 -9.13 -25.30
C SER A 5 20.24 -8.61 -24.10
N VAL A 6 19.71 -8.90 -22.91
CA VAL A 6 20.24 -8.47 -21.60
C VAL A 6 20.09 -9.67 -20.67
N ASP A 7 21.13 -10.01 -19.91
CA ASP A 7 21.06 -11.14 -18.93
C ASP A 7 21.88 -10.76 -17.71
N TYR A 8 21.20 -10.27 -16.67
CA TYR A 8 21.81 -9.84 -15.40
C TYR A 8 22.49 -11.02 -14.67
N ARG A 9 22.11 -12.28 -14.93
CA ARG A 9 22.79 -13.45 -14.30
C ARG A 9 24.25 -13.47 -14.74
N LYS A 10 24.53 -13.06 -15.98
CA LYS A 10 25.91 -13.13 -16.56
C LYS A 10 26.81 -12.03 -16.00
N LYS A 11 26.25 -11.03 -15.34
CA LYS A 11 26.97 -9.81 -14.89
C LYS A 11 27.08 -9.78 -13.37
N GLY A 12 26.56 -10.78 -12.64
CA GLY A 12 26.70 -10.86 -11.17
C GLY A 12 25.72 -9.95 -10.42
N TYR A 13 24.54 -9.67 -10.97
CA TYR A 13 23.50 -8.82 -10.34
C TYR A 13 22.40 -9.66 -9.70
N VAL A 14 22.49 -11.00 -9.77
CA VAL A 14 21.37 -11.87 -9.34
C VAL A 14 21.86 -12.90 -8.35
N THR A 15 21.18 -13.01 -7.19
CA THR A 15 21.53 -13.99 -6.11
C THR A 15 20.94 -15.35 -6.49
N PRO A 16 21.30 -16.43 -5.76
CA PRO A 16 20.75 -17.74 -6.06
C PRO A 16 19.23 -17.78 -5.90
N VAL A 17 18.62 -18.73 -6.58
CA VAL A 17 17.15 -18.94 -6.54
C VAL A 17 16.78 -19.40 -5.13
N LYS A 18 15.71 -18.83 -4.57
CA LYS A 18 15.18 -19.19 -3.23
C LYS A 18 13.89 -20.00 -3.34
N ASN A 19 13.43 -20.51 -2.23
CA ASN A 19 12.15 -21.25 -2.13
C ASN A 19 11.30 -20.54 -1.08
N GLN A 20 10.18 -19.91 -1.48
CA GLN A 20 9.26 -19.24 -0.54
C GLN A 20 8.59 -20.28 0.37
N GLY A 21 8.53 -21.55 -0.01
CA GLY A 21 7.87 -22.58 0.82
C GLY A 21 6.35 -22.36 0.88
N GLN A 22 5.73 -22.74 2.00
CA GLN A 22 4.27 -22.71 2.20
C GLN A 22 3.90 -21.35 2.84
N CYS A 23 4.16 -20.27 2.10
CA CYS A 23 3.91 -18.87 2.54
C CYS A 23 3.60 -18.02 1.30
N GLY A 24 2.56 -17.18 1.35
CA GLY A 24 2.20 -16.26 0.24
C GLY A 24 3.16 -15.07 0.17
N SER A 25 4.46 -15.32 0.05
CA SER A 25 5.54 -14.32 0.16
C SER A 25 6.20 -14.04 -1.19
N CYS A 26 5.59 -14.48 -2.32
CA CYS A 26 6.19 -14.24 -3.66
C CYS A 26 6.56 -12.75 -3.78
N TRP A 27 5.68 -11.85 -3.32
CA TRP A 27 5.88 -10.40 -3.44
C TRP A 27 7.18 -9.95 -2.75
N ALA A 28 7.55 -10.58 -1.63
CA ALA A 28 8.75 -10.24 -0.83
C ALA A 28 10.01 -10.71 -1.54
N PHE A 29 10.00 -11.90 -2.15
CA PHE A 29 11.09 -12.44 -3.01
C PHE A 29 11.29 -11.54 -4.25
N SER A 30 10.21 -11.15 -4.91
CA SER A 30 10.23 -10.24 -6.08
C SER A 30 10.89 -8.92 -5.67
N SER A 31 10.42 -8.32 -4.56
CA SER A 31 10.92 -7.02 -4.03
C SER A 31 12.43 -7.12 -3.75
N VAL A 32 12.86 -8.11 -2.97
CA VAL A 32 14.29 -8.16 -2.55
C VAL A 32 15.16 -8.40 -3.79
N GLY A 33 14.69 -9.16 -4.79
CA GLY A 33 15.48 -9.37 -6.01
C GLY A 33 15.75 -8.05 -6.72
N ALA A 34 14.72 -7.18 -6.85
CA ALA A 34 14.89 -5.87 -7.49
C ALA A 34 15.82 -5.00 -6.62
N LEU A 35 15.66 -5.00 -5.30
CA LEU A 35 16.58 -4.25 -4.38
C LEU A 35 18.01 -4.79 -4.50
N GLU A 36 18.20 -6.09 -4.55
CA GLU A 36 19.55 -6.73 -4.61
C GLU A 36 20.26 -6.25 -5.86
N GLY A 37 19.53 -6.18 -6.99
CA GLY A 37 20.07 -5.69 -8.26
C GLY A 37 20.55 -4.25 -8.15
N GLN A 38 19.73 -3.36 -7.61
CA GLN A 38 20.11 -1.93 -7.48
C GLN A 38 21.27 -1.79 -6.46
N LEU A 39 21.32 -2.61 -5.40
CA LEU A 39 22.42 -2.54 -4.39
C LEU A 39 23.75 -2.90 -5.07
N LYS A 40 23.77 -3.96 -5.88
CA LYS A 40 25.01 -4.36 -6.60
C LYS A 40 25.45 -3.24 -7.56
N LYS A 41 24.50 -2.70 -8.31
CA LYS A 41 24.80 -1.60 -9.27
C LYS A 41 25.44 -0.41 -8.55
N LYS A 42 24.86 -0.03 -7.41
CA LYS A 42 25.24 1.20 -6.67
C LYS A 42 26.53 0.98 -5.89
N THR A 43 26.68 -0.13 -5.16
CA THR A 43 27.74 -0.27 -4.10
C THR A 43 28.78 -1.34 -4.47
N GLY A 44 28.55 -2.13 -5.52
CA GLY A 44 29.50 -3.15 -5.96
C GLY A 44 29.34 -4.47 -5.21
N LYS A 45 28.40 -4.58 -4.28
CA LYS A 45 28.27 -5.76 -3.39
C LYS A 45 26.99 -6.51 -3.76
N LEU A 46 27.11 -7.79 -4.06
CA LEU A 46 25.94 -8.70 -4.26
C LEU A 46 25.64 -9.39 -2.94
N LEU A 47 24.51 -9.12 -2.32
CA LEU A 47 24.20 -9.91 -1.10
C LEU A 47 22.71 -10.17 -0.98
N ASN A 48 22.37 -11.19 -0.22
CA ASN A 48 20.97 -11.62 0.00
C ASN A 48 20.34 -10.61 0.97
N LEU A 49 19.26 -9.93 0.56
CA LEU A 49 18.48 -9.08 1.50
C LEU A 49 17.34 -9.92 2.08
N SER A 50 16.68 -9.45 3.12
CA SER A 50 15.73 -10.26 3.95
C SER A 50 14.29 -10.15 3.44
N PRO A 51 13.72 -11.19 2.78
CA PRO A 51 12.29 -11.20 2.52
C PRO A 51 11.48 -11.30 3.83
N GLN A 52 12.02 -11.98 4.86
CA GLN A 52 11.32 -12.12 6.16
C GLN A 52 11.07 -10.74 6.77
N ASN A 53 12.04 -9.83 6.66
CA ASN A 53 11.92 -8.41 7.12
C ASN A 53 10.67 -7.80 6.47
N LEU A 54 10.48 -8.00 5.15
CA LEU A 54 9.31 -7.44 4.45
C LEU A 54 8.02 -8.13 4.92
N VAL A 55 7.99 -9.45 4.98
CA VAL A 55 6.80 -10.25 5.39
C VAL A 55 6.34 -9.76 6.78
N ASP A 56 7.28 -9.60 7.72
CA ASP A 56 6.94 -9.31 9.14
C ASP A 56 6.55 -7.83 9.28
N CYS A 57 7.12 -6.91 8.49
CA CYS A 57 7.18 -5.46 8.85
C CYS A 57 6.39 -4.56 7.89
N VAL A 58 5.98 -5.02 6.70
CA VAL A 58 5.21 -4.18 5.73
C VAL A 58 3.72 -4.27 6.12
N SER A 59 3.26 -3.28 6.89
CA SER A 59 1.91 -3.28 7.50
C SER A 59 0.83 -3.04 6.41
N GLU A 60 1.13 -2.46 5.25
CA GLU A 60 0.14 -2.29 4.15
C GLU A 60 -0.03 -3.63 3.42
N ASN A 61 0.89 -4.59 3.61
CA ASN A 61 0.76 -5.96 3.01
C ASN A 61 0.17 -6.91 4.06
N ASP A 62 -0.10 -8.15 3.67
CA ASP A 62 -0.69 -9.18 4.59
C ASP A 62 0.31 -10.30 4.87
N GLY A 63 1.61 -10.03 4.87
CA GLY A 63 2.62 -11.03 5.30
C GLY A 63 2.54 -12.28 4.44
N CYS A 64 2.33 -13.46 5.04
CA CYS A 64 2.23 -14.74 4.31
C CYS A 64 0.87 -14.84 3.61
N GLY A 65 0.03 -13.84 3.70
CA GLY A 65 -1.24 -13.84 2.95
C GLY A 65 -1.21 -12.97 1.72
N GLY A 66 -0.03 -12.45 1.32
CA GLY A 66 0.16 -11.73 0.05
C GLY A 66 0.40 -10.24 0.23
N GLY A 67 0.83 -9.59 -0.84
CA GLY A 67 1.26 -8.18 -0.82
C GLY A 67 1.56 -7.64 -2.18
N TYR A 68 1.92 -6.36 -2.23
CA TYR A 68 2.42 -5.69 -3.45
C TYR A 68 3.87 -5.30 -3.24
N MET A 69 4.67 -5.36 -4.31
CA MET A 69 6.07 -4.90 -4.32
C MET A 69 6.15 -3.38 -4.10
N THR A 70 5.23 -2.57 -4.60
CA THR A 70 5.28 -1.09 -4.41
C THR A 70 5.21 -0.79 -2.91
N ASN A 71 4.43 -1.54 -2.16
CA ASN A 71 4.31 -1.36 -0.69
C ASN A 71 5.63 -1.73 0.00
N ALA A 72 6.33 -2.75 -0.49
CA ALA A 72 7.66 -3.17 0.00
C ALA A 72 8.65 -2.01 -0.21
N PHE A 73 8.71 -1.43 -1.41
CA PHE A 73 9.71 -0.35 -1.68
C PHE A 73 9.40 0.86 -0.77
N GLN A 74 8.13 1.23 -0.64
CA GLN A 74 7.70 2.37 0.21
C GLN A 74 8.17 2.12 1.66
N TYR A 75 7.97 0.90 2.19
CA TYR A 75 8.43 0.52 3.54
C TYR A 75 9.94 0.73 3.68
N VAL A 76 10.74 0.26 2.75
CA VAL A 76 12.21 0.37 2.90
C VAL A 76 12.59 1.87 2.93
N GLN A 77 11.93 2.70 2.13
CA GLN A 77 12.15 4.17 2.11
C GLN A 77 11.74 4.77 3.48
N LYS A 78 10.52 4.51 3.96
CA LYS A 78 9.99 5.11 5.21
C LYS A 78 10.76 4.57 6.43
N ASN A 79 11.16 3.32 6.41
CA ASN A 79 11.89 2.64 7.51
C ASN A 79 13.37 3.04 7.53
N ARG A 80 13.87 3.64 6.45
CA ARG A 80 15.29 3.99 6.24
C ARG A 80 16.17 2.73 6.29
N GLY A 81 15.67 1.60 5.78
CA GLY A 81 16.54 0.42 5.60
C GLY A 81 15.79 -0.89 5.52
N ILE A 82 16.51 -1.90 5.07
CA ILE A 82 16.12 -3.34 5.10
C ILE A 82 17.35 -4.11 5.58
N ASP A 83 17.12 -5.15 6.35
CA ASP A 83 18.21 -6.02 6.87
C ASP A 83 18.68 -6.99 5.78
N SER A 84 19.88 -7.54 5.94
CA SER A 84 20.39 -8.68 5.17
C SER A 84 19.65 -9.96 5.60
N GLU A 85 19.61 -10.95 4.73
CA GLU A 85 19.11 -12.31 5.05
C GLU A 85 19.92 -12.86 6.23
N ASP A 86 21.23 -12.67 6.25
CA ASP A 86 22.08 -13.21 7.35
C ASP A 86 21.64 -12.63 8.71
N ALA A 87 21.29 -11.35 8.78
CA ALA A 87 20.84 -10.70 10.04
C ALA A 87 19.40 -11.09 10.38
N TYR A 88 18.56 -11.46 9.41
CA TYR A 88 17.07 -11.58 9.57
C TYR A 88 16.62 -12.71 8.64
N PRO A 89 16.97 -13.95 9.00
CA PRO A 89 16.75 -15.10 8.10
C PRO A 89 15.30 -15.51 7.83
N TYR A 90 15.08 -16.19 6.70
CA TYR A 90 13.71 -16.53 6.24
C TYR A 90 13.25 -17.78 6.99
N VAL A 91 12.08 -17.73 7.60
CA VAL A 91 11.47 -18.88 8.32
C VAL A 91 10.14 -19.30 7.67
N GLY A 92 9.59 -18.54 6.73
CA GLY A 92 8.37 -18.94 5.99
C GLY A 92 7.11 -18.95 6.86
N GLN A 93 7.07 -18.12 7.90
CA GLN A 93 5.85 -17.89 8.71
C GLN A 93 5.94 -16.46 9.26
N GLU A 94 4.80 -15.80 9.46
CA GLU A 94 4.75 -14.44 10.04
C GLU A 94 5.16 -14.51 11.50
N GLU A 95 5.95 -13.53 11.92
CA GLU A 95 6.27 -13.27 13.34
C GLU A 95 6.19 -11.76 13.49
N SER A 96 6.24 -11.26 14.72
CA SER A 96 6.28 -9.80 14.97
C SER A 96 7.56 -9.23 14.36
N CYS A 97 7.55 -7.98 13.97
CA CYS A 97 8.66 -7.28 13.30
C CYS A 97 9.94 -7.37 14.15
N MET A 98 11.04 -7.88 13.61
CA MET A 98 12.34 -7.94 14.33
C MET A 98 13.40 -7.09 13.62
N TYR A 99 12.99 -6.05 12.89
CA TYR A 99 13.94 -5.19 12.15
C TYR A 99 14.96 -4.64 13.13
N ASN A 100 16.25 -4.72 12.80
CA ASN A 100 17.33 -4.14 13.64
C ASN A 100 18.20 -3.26 12.75
N PRO A 101 18.30 -1.95 13.02
CA PRO A 101 19.14 -1.08 12.18
C PRO A 101 20.61 -1.55 12.09
N THR A 102 21.12 -2.32 13.06
CA THR A 102 22.53 -2.81 13.02
C THR A 102 22.72 -3.83 11.88
N GLY A 103 21.68 -4.56 11.48
CA GLY A 103 21.72 -5.50 10.33
C GLY A 103 21.43 -4.86 8.98
N LYS A 104 21.32 -3.52 8.92
CA LYS A 104 20.83 -2.79 7.71
C LYS A 104 21.81 -2.99 6.54
N ALA A 105 21.32 -3.39 5.38
CA ALA A 105 22.19 -3.74 4.22
C ALA A 105 21.82 -2.93 2.98
N ALA A 106 20.64 -2.29 2.92
CA ALA A 106 20.30 -1.42 1.78
C ALA A 106 19.26 -0.39 2.20
N LYS A 107 19.17 0.67 1.39
CA LYS A 107 18.14 1.71 1.51
C LYS A 107 17.44 1.87 0.18
N CYS A 108 16.37 2.66 0.17
CA CYS A 108 15.54 2.93 -1.02
C CYS A 108 15.08 4.38 -0.95
N ARG A 109 15.15 5.11 -2.06
CA ARG A 109 14.78 6.55 -2.14
C ARG A 109 13.53 6.72 -3.03
N GLY A 110 12.73 5.66 -3.15
CA GLY A 110 11.43 5.69 -3.86
C GLY A 110 11.32 4.56 -4.86
N TYR A 111 10.35 4.63 -5.75
CA TYR A 111 10.12 3.54 -6.75
C TYR A 111 9.45 4.13 -7.98
N ARG A 112 9.46 3.38 -9.08
CA ARG A 112 8.86 3.79 -10.36
C ARG A 112 8.01 2.63 -10.90
N GLU A 113 6.86 2.94 -11.47
CA GLU A 113 5.98 1.92 -12.09
C GLU A 113 6.14 2.02 -13.60
N ILE A 114 6.25 0.88 -14.27
CA ILE A 114 6.20 0.77 -15.76
C ILE A 114 4.77 1.07 -16.21
N PRO A 115 4.54 1.95 -17.22
CA PRO A 115 3.18 2.19 -17.70
C PRO A 115 2.47 0.88 -18.07
N GLU A 116 1.24 0.73 -17.64
CA GLU A 116 0.51 -0.57 -17.68
C GLU A 116 0.43 -1.08 -19.14
N GLY A 117 0.84 -2.31 -19.36
CA GLY A 117 0.74 -3.00 -20.65
C GLY A 117 1.89 -2.73 -21.58
N ASN A 118 2.83 -1.84 -21.23
CA ASN A 118 3.80 -1.33 -22.25
C ASN A 118 5.07 -2.19 -22.21
N GLU A 119 5.17 -3.21 -23.06
CA GLU A 119 6.31 -4.15 -23.06
C GLU A 119 7.60 -3.44 -23.54
N LYS A 120 7.50 -2.39 -24.37
CA LYS A 120 8.70 -1.64 -24.82
C LYS A 120 9.29 -0.83 -23.64
N ALA A 121 8.44 -0.17 -22.84
CA ALA A 121 8.89 0.52 -21.61
C ALA A 121 9.54 -0.48 -20.62
N LEU A 122 8.99 -1.70 -20.46
CA LEU A 122 9.59 -2.72 -19.55
C LEU A 122 10.97 -3.10 -20.09
N LYS A 123 11.10 -3.30 -21.41
CA LYS A 123 12.40 -3.64 -22.05
C LYS A 123 13.42 -2.54 -21.74
N ARG A 124 13.04 -1.30 -21.93
CA ARG A 124 13.96 -0.15 -21.72
C ARG A 124 14.39 -0.11 -20.24
N ALA A 125 13.50 -0.38 -19.30
CA ALA A 125 13.80 -0.35 -17.84
C ALA A 125 14.78 -1.47 -17.53
N VAL A 126 14.53 -2.67 -18.04
CA VAL A 126 15.42 -3.83 -17.78
C VAL A 126 16.82 -3.46 -18.33
N ALA A 127 16.91 -2.88 -19.54
CA ALA A 127 18.20 -2.51 -20.16
C ALA A 127 18.91 -1.41 -19.35
N ARG A 128 18.20 -0.39 -18.88
CA ARG A 128 18.84 0.83 -18.32
C ARG A 128 19.00 0.75 -16.80
N VAL A 129 18.06 0.11 -16.12
CA VAL A 129 17.99 0.18 -14.63
C VAL A 129 18.51 -1.12 -14.00
N GLY A 130 17.97 -2.27 -14.40
CA GLY A 130 18.32 -3.56 -13.80
C GLY A 130 17.11 -4.48 -13.75
N PRO A 131 17.21 -5.59 -12.99
CA PRO A 131 16.07 -6.47 -12.74
C PRO A 131 14.88 -5.66 -12.23
N VAL A 132 13.71 -6.01 -12.75
CA VAL A 132 12.43 -5.28 -12.47
C VAL A 132 11.46 -6.27 -11.86
N SER A 133 10.73 -5.86 -10.82
CA SER A 133 9.67 -6.68 -10.20
C SER A 133 8.46 -6.72 -11.14
N VAL A 134 7.90 -7.92 -11.37
CA VAL A 134 6.73 -8.07 -12.29
C VAL A 134 5.71 -9.03 -11.66
N ALA A 135 4.45 -8.88 -12.04
CA ALA A 135 3.36 -9.80 -11.69
C ALA A 135 2.89 -10.52 -12.95
N ILE A 136 2.51 -11.79 -12.81
CA ILE A 136 2.04 -12.63 -13.94
C ILE A 136 0.84 -13.48 -13.51
N ASP A 137 0.10 -14.01 -14.49
CA ASP A 137 -0.78 -15.19 -14.30
C ASP A 137 0.10 -16.45 -14.37
N ALA A 138 0.37 -17.08 -13.24
CA ALA A 138 1.14 -18.35 -13.11
C ALA A 138 0.20 -19.51 -12.75
N SER A 139 -1.10 -19.43 -12.99
CA SER A 139 -2.07 -20.42 -12.48
C SER A 139 -2.14 -21.70 -13.36
N LEU A 140 -1.59 -21.72 -14.57
CA LEU A 140 -1.83 -22.88 -15.51
C LEU A 140 -0.89 -24.06 -15.21
N THR A 141 -1.33 -25.30 -15.41
CA THR A 141 -0.41 -26.44 -15.26
C THR A 141 0.74 -26.29 -16.25
N SER A 142 0.55 -25.68 -17.42
CA SER A 142 1.64 -25.51 -18.42
C SER A 142 2.80 -24.72 -17.81
N PHE A 143 2.51 -23.72 -16.99
CA PHE A 143 3.52 -22.93 -16.26
C PHE A 143 4.18 -23.81 -15.20
N GLN A 144 3.39 -24.57 -14.42
CA GLN A 144 3.87 -25.48 -13.36
C GLN A 144 4.87 -26.48 -13.97
N PHE A 145 4.59 -26.95 -15.18
CA PHE A 145 5.26 -28.04 -15.88
C PHE A 145 6.40 -27.51 -16.77
N TYR A 146 6.74 -26.23 -16.72
CA TYR A 146 7.79 -25.68 -17.61
C TYR A 146 9.11 -26.40 -17.36
N SER A 147 9.85 -26.70 -18.42
CA SER A 147 11.26 -27.18 -18.27
C SER A 147 12.22 -26.42 -19.18
N LYS A 148 11.84 -26.04 -20.41
CA LYS A 148 12.79 -25.52 -21.42
C LYS A 148 12.06 -24.74 -22.52
N GLY A 149 12.76 -23.82 -23.19
CA GLY A 149 12.21 -23.08 -24.35
C GLY A 149 11.41 -21.88 -23.91
N VAL A 150 10.67 -21.27 -24.83
CA VAL A 150 10.00 -19.98 -24.53
C VAL A 150 8.52 -20.26 -24.24
N TYR A 151 8.09 -19.91 -23.04
CA TYR A 151 6.77 -20.32 -22.54
C TYR A 151 5.72 -19.41 -23.18
N TYR A 152 4.71 -20.00 -23.78
CA TYR A 152 3.53 -19.29 -24.31
C TYR A 152 2.31 -20.21 -24.16
N ASP A 153 1.24 -19.72 -23.58
CA ASP A 153 -0.04 -20.49 -23.54
C ASP A 153 -1.15 -19.49 -23.85
N GLU A 154 -1.87 -19.74 -24.93
CA GLU A 154 -2.97 -18.84 -25.37
C GLU A 154 -4.02 -18.71 -24.25
N SER A 155 -4.09 -19.63 -23.27
CA SER A 155 -5.09 -19.61 -22.17
C SER A 155 -4.64 -18.77 -20.97
N CYS A 156 -3.40 -18.26 -20.99
CA CYS A 156 -2.89 -17.35 -19.93
C CYS A 156 -3.80 -16.11 -19.91
N ASN A 157 -4.15 -15.62 -18.74
CA ASN A 157 -5.11 -14.51 -18.62
C ASN A 157 -4.34 -13.27 -18.14
N SER A 158 -4.09 -12.34 -19.05
CA SER A 158 -3.32 -11.09 -18.80
C SER A 158 -4.04 -10.22 -17.76
N ASP A 159 -5.32 -10.46 -17.52
CA ASP A 159 -6.19 -9.69 -16.59
C ASP A 159 -6.27 -10.32 -15.19
N ASN A 160 -5.61 -11.45 -14.93
CA ASN A 160 -5.78 -12.23 -13.67
C ASN A 160 -4.38 -12.48 -13.08
N LEU A 161 -3.73 -11.45 -12.56
CA LEU A 161 -2.36 -11.57 -11.99
C LEU A 161 -2.46 -12.30 -10.64
N ASN A 162 -1.56 -13.24 -10.37
CA ASN A 162 -1.66 -14.05 -9.14
C ASN A 162 -0.28 -14.51 -8.68
N HIS A 163 0.81 -13.96 -9.22
CA HIS A 163 2.19 -14.36 -8.84
C HIS A 163 3.16 -13.20 -9.09
N ALA A 164 4.14 -13.02 -8.22
CA ALA A 164 5.15 -11.95 -8.31
C ALA A 164 6.48 -12.65 -8.53
N VAL A 165 7.22 -12.18 -9.51
CA VAL A 165 8.52 -12.77 -9.95
C VAL A 165 9.46 -11.62 -10.32
N LEU A 166 10.64 -11.93 -10.83
CA LEU A 166 11.67 -10.91 -11.14
C LEU A 166 12.13 -11.08 -12.59
N ALA A 167 12.10 -10.00 -13.37
CA ALA A 167 12.57 -10.00 -14.77
C ALA A 167 14.05 -9.63 -14.73
N VAL A 168 14.94 -10.58 -15.03
CA VAL A 168 16.41 -10.36 -14.94
C VAL A 168 17.05 -10.20 -16.32
N GLY A 169 16.23 -10.12 -17.36
CA GLY A 169 16.72 -9.91 -18.72
C GLY A 169 15.67 -10.19 -19.76
N TYR A 170 16.12 -10.21 -20.99
CA TYR A 170 15.29 -10.53 -22.15
C TYR A 170 16.20 -10.93 -23.29
N GLY A 171 15.60 -11.52 -24.31
CA GLY A 171 16.38 -11.85 -25.51
C GLY A 171 15.52 -12.56 -26.52
N ILE A 172 16.16 -13.41 -27.30
CA ILE A 172 15.47 -14.12 -28.42
CA ILE A 172 15.50 -14.10 -28.45
C ILE A 172 16.11 -15.50 -28.55
N GLN A 173 15.26 -16.51 -28.62
CA GLN A 173 15.74 -17.91 -28.70
C GLN A 173 15.07 -18.54 -29.93
N LYS A 174 15.87 -18.87 -30.96
CA LYS A 174 15.35 -19.47 -32.22
C LYS A 174 14.17 -18.62 -32.75
N GLY A 175 14.33 -17.30 -32.78
CA GLY A 175 13.33 -16.36 -33.31
C GLY A 175 12.19 -16.00 -32.35
N ASN A 176 12.06 -16.66 -31.20
CA ASN A 176 11.03 -16.39 -30.16
C ASN A 176 11.58 -15.37 -29.15
N LYS A 177 11.05 -14.15 -29.16
CA LYS A 177 11.46 -13.12 -28.19
C LYS A 177 10.96 -13.57 -26.80
N HIS A 178 11.74 -13.27 -25.76
CA HIS A 178 11.40 -13.71 -24.39
C HIS A 178 11.88 -12.74 -23.34
N TRP A 179 11.28 -12.90 -22.17
CA TRP A 179 11.71 -12.37 -20.85
C TRP A 179 12.42 -13.49 -20.10
N ILE A 180 13.51 -13.17 -19.39
CA ILE A 180 14.20 -14.10 -18.47
C ILE A 180 13.62 -13.86 -17.07
N ILE A 181 12.95 -14.83 -16.51
CA ILE A 181 12.17 -14.68 -15.25
C ILE A 181 12.78 -15.55 -14.16
N LYS A 182 13.13 -14.94 -13.02
CA LYS A 182 13.56 -15.68 -11.81
C LYS A 182 12.34 -15.94 -10.95
N ASN A 183 12.06 -17.22 -10.65
CA ASN A 183 10.93 -17.62 -9.78
C ASN A 183 11.46 -17.84 -8.35
N SER A 184 10.57 -18.00 -7.36
CA SER A 184 10.93 -18.27 -5.95
C SER A 184 10.35 -19.63 -5.51
N TRP A 185 10.39 -20.65 -6.40
CA TRP A 185 9.86 -22.00 -6.11
C TRP A 185 11.01 -23.01 -5.99
N GLY A 186 12.23 -22.56 -5.71
CA GLY A 186 13.39 -23.45 -5.60
C GLY A 186 14.06 -23.74 -6.94
N GLU A 187 15.26 -24.32 -6.89
CA GLU A 187 16.09 -24.66 -8.08
C GLU A 187 15.57 -25.92 -8.76
N ASN A 188 14.71 -26.68 -8.10
CA ASN A 188 14.19 -27.95 -8.68
C ASN A 188 12.97 -27.67 -9.57
N TRP A 189 12.45 -26.44 -9.57
CA TRP A 189 11.33 -26.06 -10.46
C TRP A 189 11.88 -25.51 -11.79
N GLY A 190 11.17 -25.73 -12.91
CA GLY A 190 11.48 -25.02 -14.16
C GLY A 190 12.86 -25.41 -14.69
N ASN A 191 13.60 -24.43 -15.20
CA ASN A 191 14.99 -24.63 -15.61
C ASN A 191 15.91 -24.06 -14.53
N LYS A 192 16.23 -24.85 -13.51
CA LYS A 192 17.07 -24.39 -12.37
C LYS A 192 16.42 -23.18 -11.69
N GLY A 193 15.09 -23.11 -11.68
CA GLY A 193 14.38 -22.06 -10.97
C GLY A 193 13.93 -20.90 -11.86
N TYR A 194 14.32 -20.93 -13.13
CA TYR A 194 14.05 -19.89 -14.14
C TYR A 194 13.10 -20.39 -15.22
N ILE A 195 12.46 -19.41 -15.88
CA ILE A 195 11.54 -19.66 -17.01
C ILE A 195 11.76 -18.53 -18.03
N LEU A 196 11.79 -18.88 -19.32
CA LEU A 196 11.76 -17.88 -20.39
C LEU A 196 10.29 -17.69 -20.77
N MET A 197 9.79 -16.45 -20.76
CA MET A 197 8.36 -16.21 -21.05
C MET A 197 8.21 -15.31 -22.29
N ALA A 198 7.23 -15.63 -23.16
CA ALA A 198 7.01 -14.94 -24.45
C ALA A 198 7.00 -13.42 -24.25
N ARG A 199 7.79 -12.73 -25.08
CA ARG A 199 7.89 -11.26 -25.16
C ARG A 199 7.25 -10.75 -26.45
N ASN A 200 6.58 -9.60 -26.36
CA ASN A 200 5.90 -8.92 -27.50
C ASN A 200 4.87 -9.86 -28.14
N LYS A 201 4.16 -10.65 -27.34
CA LYS A 201 3.08 -11.55 -27.80
C LYS A 201 1.83 -11.20 -26.98
N ASN A 202 1.25 -10.04 -27.27
CA ASN A 202 -0.02 -9.60 -26.67
C ASN A 202 0.14 -9.51 -25.13
N ASN A 203 1.30 -9.09 -24.63
CA ASN A 203 1.51 -8.93 -23.15
C ASN A 203 1.18 -10.25 -22.44
N ALA A 204 1.74 -11.35 -22.93
CA ALA A 204 1.45 -12.73 -22.47
C ALA A 204 1.60 -12.85 -20.94
N CYS A 205 0.56 -13.38 -20.30
CA CYS A 205 0.45 -13.62 -18.85
C CYS A 205 0.48 -12.32 -18.05
N GLY A 206 0.30 -11.14 -18.69
CA GLY A 206 0.18 -9.86 -17.98
C GLY A 206 1.51 -9.26 -17.55
N ILE A 207 2.62 -9.67 -18.16
CA ILE A 207 4.00 -9.41 -17.66
C ILE A 207 4.25 -7.91 -17.50
N ALA A 208 3.69 -7.03 -18.33
CA ALA A 208 3.90 -5.56 -18.20
C ALA A 208 2.75 -4.83 -17.52
N ASN A 209 1.86 -5.53 -16.81
CA ASN A 209 0.68 -4.88 -16.21
C ASN A 209 0.93 -4.35 -14.79
N LEU A 210 1.89 -4.90 -14.05
CA LEU A 210 2.16 -4.42 -12.67
C LEU A 210 3.68 -4.53 -12.39
N ALA A 211 4.48 -3.81 -13.16
CA ALA A 211 5.95 -3.88 -13.10
C ALA A 211 6.44 -2.64 -12.35
N SER A 212 7.45 -2.80 -11.50
CA SER A 212 8.02 -1.69 -10.73
C SER A 212 9.47 -1.96 -10.36
N PHE A 213 10.22 -0.90 -10.03
CA PHE A 213 11.61 -1.01 -9.56
C PHE A 213 11.88 0.06 -8.51
N PRO A 214 12.79 -0.24 -7.56
CA PRO A 214 13.20 0.73 -6.56
C PRO A 214 14.30 1.64 -7.10
N LYS A 215 14.35 2.83 -6.53
CA LYS A 215 15.37 3.85 -6.75
C LYS A 215 16.32 3.82 -5.55
N MET A 216 17.62 3.93 -5.77
CA MET A 216 18.60 4.00 -4.64
C MET A 216 19.42 5.31 -4.72
N ARG B 1 1.64 24.59 25.38
CA ARG B 1 0.97 23.32 25.24
C ARG B 1 -0.11 23.49 24.17
N ALA B 2 -0.69 22.39 23.70
CA ALA B 2 -1.87 22.42 22.82
C ALA B 2 -3.05 22.94 23.64
N PRO B 3 -4.07 23.53 22.99
CA PRO B 3 -5.30 23.93 23.68
C PRO B 3 -5.94 22.78 24.45
N ASP B 4 -6.70 23.11 25.49
CA ASP B 4 -7.40 22.09 26.32
C ASP B 4 -8.45 21.39 25.44
N SER B 5 -9.02 22.10 24.47
CA SER B 5 -10.04 21.51 23.57
C SER B 5 -9.98 22.14 22.19
N VAL B 6 -10.31 21.34 21.18
CA VAL B 6 -10.32 21.73 19.75
C VAL B 6 -11.55 21.06 19.13
N ASP B 7 -12.33 21.80 18.33
CA ASP B 7 -13.46 21.21 17.56
C ASP B 7 -13.50 21.79 16.15
N TYR B 8 -13.03 21.03 15.16
CA TYR B 8 -12.99 21.51 13.76
C TYR B 8 -14.38 21.73 13.16
N ARG B 9 -15.46 21.17 13.73
CA ARG B 9 -16.84 21.50 13.29
C ARG B 9 -17.09 23.00 13.49
N LYS B 10 -16.54 23.57 14.55
CA LYS B 10 -16.78 25.02 14.89
C LYS B 10 -15.93 25.95 14.01
N LYS B 11 -14.94 25.44 13.29
CA LYS B 11 -13.96 26.21 12.48
C LYS B 11 -14.24 26.06 10.99
N GLY B 12 -15.21 25.22 10.60
CA GLY B 12 -15.61 25.05 9.19
C GLY B 12 -14.69 24.16 8.41
N TYR B 13 -14.03 23.20 9.05
CA TYR B 13 -13.06 22.28 8.39
C TYR B 13 -13.71 20.93 8.07
N VAL B 14 -14.99 20.75 8.40
CA VAL B 14 -15.64 19.42 8.32
C VAL B 14 -16.91 19.53 7.48
N THR B 15 -17.02 18.67 6.46
CA THR B 15 -18.18 18.59 5.54
C THR B 15 -19.28 17.79 6.24
N PRO B 16 -20.52 17.80 5.71
CA PRO B 16 -21.60 17.00 6.30
C PRO B 16 -21.21 15.51 6.39
N VAL B 17 -21.84 14.83 7.34
CA VAL B 17 -21.69 13.36 7.52
C VAL B 17 -22.28 12.66 6.28
N LYS B 18 -21.58 11.67 5.76
CA LYS B 18 -21.99 10.86 4.59
C LYS B 18 -22.34 9.44 5.04
N ASN B 19 -22.89 8.66 4.12
CA ASN B 19 -23.26 7.24 4.36
C ASN B 19 -22.53 6.41 3.30
N GLN B 20 -21.59 5.57 3.71
CA GLN B 20 -20.81 4.73 2.77
C GLN B 20 -21.72 3.65 2.18
N GLY B 21 -22.86 3.35 2.82
CA GLY B 21 -23.68 2.20 2.43
C GLY B 21 -22.98 0.88 2.71
N GLN B 22 -23.26 -0.17 1.93
CA GLN B 22 -22.75 -1.53 2.25
C GLN B 22 -21.27 -1.68 1.83
N CYS B 23 -20.79 -0.84 0.92
CA CYS B 23 -19.38 -0.82 0.42
C CYS B 23 -18.41 -0.63 1.61
N GLY B 24 -17.35 -1.44 1.69
CA GLY B 24 -16.27 -1.33 2.70
C GLY B 24 -15.33 -0.18 2.39
N SER B 25 -15.88 1.03 2.29
CA SER B 25 -15.14 2.25 1.85
C SER B 25 -14.87 3.18 3.03
N CYS B 26 -15.00 2.71 4.27
CA CYS B 26 -14.67 3.57 5.46
C CYS B 26 -13.32 4.27 5.23
N TRP B 27 -12.32 3.55 4.73
CA TRP B 27 -10.95 4.10 4.54
C TRP B 27 -10.96 5.31 3.59
N ALA B 28 -11.82 5.31 2.57
CA ALA B 28 -11.93 6.37 1.55
C ALA B 28 -12.60 7.62 2.16
N PHE B 29 -13.66 7.43 2.96
CA PHE B 29 -14.33 8.54 3.70
C PHE B 29 -13.36 9.15 4.73
N SER B 30 -12.61 8.33 5.47
CA SER B 30 -11.59 8.81 6.44
C SER B 30 -10.55 9.66 5.72
N SER B 31 -10.01 9.16 4.61
CA SER B 31 -8.99 9.84 3.79
C SER B 31 -9.51 11.19 3.28
N VAL B 32 -10.68 11.22 2.64
CA VAL B 32 -11.13 12.49 2.01
C VAL B 32 -11.43 13.49 3.13
N GLY B 33 -11.92 13.06 4.29
CA GLY B 33 -12.15 13.95 5.45
C GLY B 33 -10.86 14.64 5.86
N ALA B 34 -9.75 13.91 5.94
CA ALA B 34 -8.45 14.50 6.30
C ALA B 34 -8.00 15.45 5.19
N LEU B 35 -8.15 15.09 3.92
CA LEU B 35 -7.78 15.97 2.78
C LEU B 35 -8.67 17.22 2.77
N GLU B 36 -9.97 17.08 3.04
CA GLU B 36 -10.93 18.22 3.04
C GLU B 36 -10.48 19.26 4.07
N GLY B 37 -10.05 18.78 5.25
CA GLY B 37 -9.54 19.67 6.32
C GLY B 37 -8.32 20.45 5.85
N GLN B 38 -7.32 19.77 5.28
CA GLN B 38 -6.10 20.46 4.78
C GLN B 38 -6.47 21.44 3.64
N LEU B 39 -7.40 21.08 2.75
CA LEU B 39 -7.80 21.99 1.63
C LEU B 39 -8.40 23.28 2.20
N LYS B 40 -9.28 23.20 3.19
CA LYS B 40 -9.87 24.39 3.87
C LYS B 40 -8.77 25.26 4.49
N LYS B 41 -7.85 24.66 5.20
CA LYS B 41 -6.74 25.41 5.83
C LYS B 41 -5.91 26.15 4.76
N LYS B 42 -5.61 25.48 3.66
CA LYS B 42 -4.75 26.00 2.58
C LYS B 42 -5.44 27.08 1.73
N THR B 43 -6.69 26.85 1.29
CA THR B 43 -7.39 27.67 0.26
C THR B 43 -8.51 28.53 0.84
N GLY B 44 -8.96 28.25 2.06
CA GLY B 44 -10.05 29.00 2.69
C GLY B 44 -11.42 28.43 2.36
N LYS B 45 -11.49 27.43 1.47
CA LYS B 45 -12.79 26.88 0.98
C LYS B 45 -13.00 25.43 1.45
N LEU B 46 -14.21 25.15 1.93
CA LEU B 46 -14.63 23.78 2.31
C LEU B 46 -15.35 23.13 1.13
N LEU B 47 -14.83 22.03 0.60
CA LEU B 47 -15.68 21.30 -0.37
C LEU B 47 -15.49 19.78 -0.29
N ASN B 48 -16.49 19.08 -0.78
CA ASN B 48 -16.56 17.60 -0.75
C ASN B 48 -15.58 17.08 -1.81
N LEU B 49 -14.59 16.28 -1.40
CA LEU B 49 -13.71 15.57 -2.35
C LEU B 49 -14.30 14.17 -2.57
N SER B 50 -13.80 13.47 -3.58
CA SER B 50 -14.40 12.19 -4.09
C SER B 50 -13.85 10.95 -3.39
N PRO B 51 -14.62 10.30 -2.49
CA PRO B 51 -14.25 8.95 -2.06
C PRO B 51 -14.32 7.92 -3.20
N GLN B 52 -15.25 8.10 -4.15
CA GLN B 52 -15.37 7.14 -5.29
C GLN B 52 -14.07 7.12 -6.10
N ASN B 53 -13.44 8.27 -6.30
CA ASN B 53 -12.11 8.39 -6.98
C ASN B 53 -11.13 7.45 -6.27
N LEU B 54 -11.08 7.46 -4.94
CA LEU B 54 -10.14 6.59 -4.20
C LEU B 54 -10.55 5.12 -4.34
N VAL B 55 -11.82 4.79 -4.14
CA VAL B 55 -12.32 3.38 -4.25
C VAL B 55 -11.94 2.80 -5.62
N ASP B 56 -12.15 3.57 -6.69
CA ASP B 56 -11.98 3.09 -8.08
C ASP B 56 -10.49 3.02 -8.44
N CYS B 57 -9.64 3.91 -7.93
CA CYS B 57 -8.31 4.21 -8.55
C CYS B 57 -7.13 3.79 -7.66
N VAL B 58 -7.31 3.53 -6.36
CA VAL B 58 -6.20 3.13 -5.44
C VAL B 58 -5.99 1.61 -5.56
N SER B 59 -5.11 1.21 -6.45
CA SER B 59 -4.86 -0.21 -6.81
C SER B 59 -4.18 -0.96 -5.68
N GLU B 60 -3.51 -0.32 -4.70
CA GLU B 60 -2.93 -1.05 -3.54
C GLU B 60 -4.04 -1.36 -2.51
N ASN B 61 -5.23 -0.74 -2.63
CA ASN B 61 -6.40 -1.05 -1.77
C ASN B 61 -7.33 -2.02 -2.53
N ASP B 62 -8.36 -2.52 -1.87
CA ASP B 62 -9.29 -3.54 -2.43
C ASP B 62 -10.69 -2.93 -2.66
N GLY B 63 -10.76 -1.64 -3.01
CA GLY B 63 -12.04 -0.98 -3.34
C GLY B 63 -13.05 -1.14 -2.21
N CYS B 64 -14.21 -1.73 -2.49
CA CYS B 64 -15.28 -1.95 -1.49
C CYS B 64 -14.93 -3.11 -0.56
N GLY B 65 -13.81 -3.78 -0.79
CA GLY B 65 -13.35 -4.84 0.11
C GLY B 65 -12.44 -4.30 1.21
N GLY B 66 -12.14 -3.00 1.23
CA GLY B 66 -11.36 -2.35 2.31
C GLY B 66 -10.01 -1.83 1.80
N GLY B 67 -9.36 -1.04 2.64
CA GLY B 67 -8.12 -0.36 2.27
C GLY B 67 -7.47 0.29 3.47
N TYR B 68 -6.34 0.95 3.23
CA TYR B 68 -5.64 1.80 4.22
C TYR B 68 -5.65 3.24 3.74
N MET B 69 -5.72 4.18 4.68
CA MET B 69 -5.67 5.64 4.38
C MET B 69 -4.27 6.03 3.85
N THR B 70 -3.19 5.41 4.33
CA THR B 70 -1.83 5.74 3.86
C THR B 70 -1.73 5.46 2.34
N ASN B 71 -2.36 4.39 1.85
CA ASN B 71 -2.35 4.06 0.41
C ASN B 71 -3.13 5.11 -0.39
N ALA B 72 -4.21 5.63 0.19
CA ALA B 72 -5.04 6.70 -0.43
C ALA B 72 -4.18 7.96 -0.57
N PHE B 73 -3.48 8.38 0.48
CA PHE B 73 -2.68 9.63 0.42
C PHE B 73 -1.56 9.46 -0.62
N GLN B 74 -0.90 8.29 -0.63
CA GLN B 74 0.17 7.98 -1.61
C GLN B 74 -0.39 8.13 -3.03
N TYR B 75 -1.58 7.57 -3.31
CA TYR B 75 -2.24 7.69 -4.63
C TYR B 75 -2.45 9.17 -5.01
N VAL B 76 -3.00 9.99 -4.11
CA VAL B 76 -3.27 11.41 -4.48
C VAL B 76 -1.94 12.11 -4.82
N GLN B 77 -0.87 11.80 -4.07
CA GLN B 77 0.49 12.33 -4.34
C GLN B 77 0.94 11.86 -5.72
N LYS B 78 0.98 10.55 -5.96
CA LYS B 78 1.54 9.97 -7.23
C LYS B 78 0.69 10.41 -8.45
N ASN B 79 -0.63 10.49 -8.28
CA ASN B 79 -1.63 10.86 -9.32
C ASN B 79 -1.62 12.35 -9.61
N ARG B 80 -1.02 13.17 -8.75
CA ARG B 80 -1.02 14.65 -8.85
C ARG B 80 -2.45 15.19 -8.78
N GLY B 81 -3.33 14.54 -8.01
CA GLY B 81 -4.63 15.14 -7.71
C GLY B 81 -5.69 14.14 -7.31
N ILE B 82 -6.78 14.69 -6.77
CA ILE B 82 -8.06 14.00 -6.50
C ILE B 82 -9.18 14.92 -7.00
N ASP B 83 -10.23 14.32 -7.53
CA ASP B 83 -11.40 15.06 -8.06
C ASP B 83 -12.32 15.46 -6.90
N SER B 84 -13.18 16.45 -7.14
CA SER B 84 -14.31 16.81 -6.24
C SER B 84 -15.38 15.72 -6.29
N GLU B 85 -16.22 15.62 -5.27
CA GLU B 85 -17.43 14.74 -5.27
C GLU B 85 -18.33 15.16 -6.43
N ASP B 86 -18.50 16.46 -6.67
CA ASP B 86 -19.35 16.97 -7.78
C ASP B 86 -18.88 16.41 -9.13
N ALA B 87 -17.56 16.40 -9.38
CA ALA B 87 -16.98 15.87 -10.62
C ALA B 87 -17.05 14.33 -10.67
N TYR B 88 -17.03 13.63 -9.53
CA TYR B 88 -16.79 12.16 -9.47
C TYR B 88 -17.63 11.62 -8.31
N PRO B 89 -18.95 11.56 -8.52
CA PRO B 89 -19.88 11.26 -7.43
C PRO B 89 -19.84 9.81 -6.89
N TYR B 90 -20.28 9.65 -5.65
CA TYR B 90 -20.22 8.36 -4.93
C TYR B 90 -21.39 7.50 -5.41
N VAL B 91 -21.09 6.27 -5.82
CA VAL B 91 -22.12 5.27 -6.22
C VAL B 91 -22.08 4.04 -5.30
N GLY B 92 -21.05 3.87 -4.47
CA GLY B 92 -21.02 2.76 -3.48
C GLY B 92 -20.83 1.39 -4.11
N GLN B 93 -20.20 1.32 -5.30
CA GLN B 93 -19.71 0.07 -5.89
C GLN B 93 -18.51 0.39 -6.79
N GLU B 94 -17.59 -0.55 -6.92
CA GLU B 94 -16.32 -0.36 -7.68
C GLU B 94 -16.66 -0.24 -9.16
N GLU B 95 -16.01 0.70 -9.85
CA GLU B 95 -16.16 0.93 -11.31
C GLU B 95 -14.76 1.16 -11.86
N SER B 96 -14.60 1.20 -13.17
CA SER B 96 -13.30 1.54 -13.81
C SER B 96 -12.88 2.95 -13.35
N CYS B 97 -11.58 3.23 -13.29
CA CYS B 97 -11.08 4.53 -12.81
C CYS B 97 -11.53 5.64 -13.78
N MET B 98 -12.24 6.65 -13.29
CA MET B 98 -12.74 7.77 -14.14
C MET B 98 -12.11 9.09 -13.69
N TYR B 99 -10.92 9.05 -13.11
CA TYR B 99 -10.19 10.27 -12.73
C TYR B 99 -10.05 11.17 -13.95
N ASN B 100 -10.38 12.45 -13.79
CA ASN B 100 -10.22 13.47 -14.86
C ASN B 100 -9.50 14.66 -14.25
N PRO B 101 -8.31 15.04 -14.74
CA PRO B 101 -7.62 16.21 -14.19
C PRO B 101 -8.45 17.50 -14.25
N THR B 102 -9.45 17.62 -15.13
CA THR B 102 -10.32 18.83 -15.21
C THR B 102 -11.20 18.96 -13.95
N GLY B 103 -11.57 17.87 -13.27
CA GLY B 103 -12.32 17.92 -12.00
C GLY B 103 -11.42 18.03 -10.75
N LYS B 104 -10.11 18.24 -10.92
CA LYS B 104 -9.11 18.18 -9.81
C LYS B 104 -9.41 19.27 -8.79
N ALA B 105 -9.51 18.92 -7.52
CA ALA B 105 -9.89 19.87 -6.45
C ALA B 105 -8.84 19.92 -5.35
N ALA B 106 -7.90 18.98 -5.27
CA ALA B 106 -6.83 19.01 -4.23
C ALA B 106 -5.64 18.18 -4.68
N LYS B 107 -4.49 18.45 -4.10
CA LYS B 107 -3.22 17.72 -4.27
C LYS B 107 -2.70 17.34 -2.89
N CYS B 108 -1.70 16.48 -2.84
CA CYS B 108 -1.06 16.02 -1.60
C CYS B 108 0.45 15.83 -1.88
N ARG B 109 1.31 16.31 -0.98
CA ARG B 109 2.78 16.23 -1.15
C ARG B 109 3.38 15.11 -0.29
N GLY B 110 2.55 14.33 0.40
CA GLY B 110 3.02 13.22 1.24
C GLY B 110 2.07 12.99 2.40
N TYR B 111 2.44 12.11 3.31
CA TYR B 111 1.64 11.83 4.53
C TYR B 111 2.59 11.54 5.68
N ARG B 112 2.09 11.65 6.90
CA ARG B 112 2.85 11.35 8.13
C ARG B 112 1.98 10.45 9.01
N GLU B 113 2.52 9.31 9.41
CA GLU B 113 1.90 8.42 10.43
C GLU B 113 2.26 8.94 11.83
N ILE B 114 1.30 8.97 12.74
CA ILE B 114 1.51 9.33 14.17
C ILE B 114 2.26 8.15 14.82
N PRO B 115 3.33 8.37 15.63
CA PRO B 115 3.97 7.29 16.37
C PRO B 115 2.94 6.45 17.15
N GLU B 116 3.08 5.14 17.03
CA GLU B 116 2.08 4.14 17.47
C GLU B 116 1.79 4.30 18.96
N GLY B 117 0.52 4.43 19.32
CA GLY B 117 0.08 4.41 20.73
C GLY B 117 0.20 5.76 21.42
N ASN B 118 0.72 6.79 20.75
CA ASN B 118 1.06 8.06 21.43
C ASN B 118 -0.15 9.01 21.31
N GLU B 119 -0.98 9.05 22.36
CA GLU B 119 -2.22 9.89 22.37
C GLU B 119 -1.84 11.37 22.45
N LYS B 120 -0.69 11.72 23.04
CA LYS B 120 -0.24 13.14 23.14
C LYS B 120 0.12 13.66 21.74
N ALA B 121 0.88 12.88 20.97
CA ALA B 121 1.25 13.21 19.58
C ALA B 121 -0.05 13.33 18.75
N LEU B 122 -1.03 12.44 18.92
CA LEU B 122 -2.31 12.56 18.17
C LEU B 122 -3.02 13.88 18.54
N LYS B 123 -3.04 14.27 19.82
CA LYS B 123 -3.67 15.53 20.30
C LYS B 123 -2.97 16.70 19.62
N ARG B 124 -1.66 16.71 19.62
CA ARG B 124 -0.88 17.84 19.05
C ARG B 124 -1.14 17.88 17.54
N ALA B 125 -1.25 16.73 16.87
CA ALA B 125 -1.49 16.65 15.41
C ALA B 125 -2.88 17.25 15.11
N VAL B 126 -3.90 16.83 15.86
CA VAL B 126 -5.28 17.36 15.68
C VAL B 126 -5.24 18.87 15.88
N ALA B 127 -4.59 19.38 16.94
CA ALA B 127 -4.59 20.82 17.27
C ALA B 127 -3.82 21.62 16.20
N ARG B 128 -2.71 21.10 15.67
CA ARG B 128 -1.73 21.92 14.88
C ARG B 128 -1.82 21.64 13.37
N VAL B 129 -2.34 20.49 12.97
CA VAL B 129 -2.48 20.13 11.53
C VAL B 129 -3.94 20.27 11.14
N GLY B 130 -4.82 19.53 11.83
CA GLY B 130 -6.24 19.46 11.46
C GLY B 130 -6.80 18.07 11.71
N PRO B 131 -8.01 17.78 11.19
CA PRO B 131 -8.58 16.45 11.30
C PRO B 131 -7.60 15.37 10.84
N VAL B 132 -7.50 14.29 11.61
CA VAL B 132 -6.51 13.21 11.42
C VAL B 132 -7.27 11.91 11.14
N SER B 133 -6.83 11.14 10.16
CA SER B 133 -7.42 9.81 9.88
C SER B 133 -7.00 8.82 10.96
N VAL B 134 -7.95 8.05 11.51
CA VAL B 134 -7.64 7.05 12.57
C VAL B 134 -8.38 5.73 12.29
N ALA B 135 -7.81 4.62 12.81
CA ALA B 135 -8.46 3.30 12.81
C ALA B 135 -8.76 2.91 14.25
N ILE B 136 -9.89 2.21 14.44
CA ILE B 136 -10.35 1.77 15.78
C ILE B 136 -10.90 0.35 15.70
N ASP B 137 -11.04 -0.30 16.86
CA ASP B 137 -11.93 -1.47 17.06
C ASP B 137 -13.39 -0.97 17.22
N ALA B 138 -14.21 -1.08 16.18
CA ALA B 138 -15.66 -0.75 16.17
C ALA B 138 -16.52 -2.01 16.22
N SER B 139 -16.00 -3.17 16.60
CA SER B 139 -16.67 -4.47 16.46
C SER B 139 -17.70 -4.71 17.57
N LEU B 140 -17.67 -4.00 18.69
CA LEU B 140 -18.57 -4.30 19.84
C LEU B 140 -20.00 -3.79 19.56
N THR B 141 -21.00 -4.51 20.04
CA THR B 141 -22.42 -4.09 19.92
C THR B 141 -22.57 -2.70 20.55
N SER B 142 -21.88 -2.43 21.66
CA SER B 142 -21.97 -1.14 22.40
C SER B 142 -21.60 0.03 21.46
N PHE B 143 -20.62 -0.16 20.58
CA PHE B 143 -20.21 0.89 19.61
C PHE B 143 -21.32 1.05 18.57
N GLN B 144 -21.87 -0.05 18.08
CA GLN B 144 -22.91 -0.09 17.05
C GLN B 144 -24.11 0.73 17.54
N PHE B 145 -24.47 0.67 18.84
CA PHE B 145 -25.67 1.41 19.31
C PHE B 145 -25.29 2.62 20.17
N TYR B 146 -24.15 3.23 19.94
CA TYR B 146 -23.73 4.48 20.64
C TYR B 146 -24.82 5.55 20.44
N SER B 147 -25.10 6.30 21.50
CA SER B 147 -26.10 7.39 21.49
C SER B 147 -25.46 8.72 21.95
N LYS B 148 -24.81 8.71 23.11
CA LYS B 148 -24.36 9.96 23.81
C LYS B 148 -23.34 9.61 24.90
N GLY B 149 -22.64 10.65 25.37
CA GLY B 149 -21.63 10.54 26.44
C GLY B 149 -20.29 10.17 25.86
N VAL B 150 -19.34 9.82 26.71
CA VAL B 150 -17.97 9.46 26.24
C VAL B 150 -17.86 7.94 26.19
N TYR B 151 -17.66 7.38 25.00
CA TYR B 151 -17.71 5.92 24.79
C TYR B 151 -16.47 5.30 25.42
N TYR B 152 -16.69 4.29 26.24
CA TYR B 152 -15.62 3.46 26.85
C TYR B 152 -16.20 2.06 27.08
N ASP B 153 -15.56 1.03 26.53
CA ASP B 153 -15.98 -0.37 26.79
C ASP B 153 -14.73 -1.16 27.13
N GLU B 154 -14.69 -1.72 28.33
CA GLU B 154 -13.63 -2.61 28.90
C GLU B 154 -13.25 -3.68 27.87
N SER B 155 -14.18 -4.12 27.03
CA SER B 155 -13.99 -5.24 26.04
C SER B 155 -13.33 -4.78 24.73
N CYS B 156 -13.17 -3.47 24.50
CA CYS B 156 -12.59 -2.95 23.24
C CYS B 156 -11.15 -3.49 23.12
N ASN B 157 -10.76 -3.89 21.92
CA ASN B 157 -9.45 -4.54 21.69
C ASN B 157 -8.56 -3.58 20.91
N SER B 158 -7.62 -2.92 21.59
CA SER B 158 -6.67 -1.94 21.00
C SER B 158 -5.80 -2.59 19.93
N ASP B 159 -5.71 -3.93 19.90
CA ASP B 159 -4.86 -4.66 18.91
C ASP B 159 -5.65 -5.09 17.65
N ASN B 160 -6.95 -4.90 17.60
CA ASN B 160 -7.82 -5.44 16.53
C ASN B 160 -8.54 -4.28 15.82
N LEU B 161 -7.86 -3.58 14.92
CA LEU B 161 -8.44 -2.41 14.23
C LEU B 161 -9.28 -2.88 13.04
N ASN B 162 -10.49 -2.36 12.87
CA ASN B 162 -11.42 -2.90 11.86
C ASN B 162 -12.32 -1.80 11.27
N HIS B 163 -12.07 -0.53 11.56
CA HIS B 163 -12.92 0.58 11.06
C HIS B 163 -12.07 1.84 10.97
N ALA B 164 -12.27 2.63 9.91
CA ALA B 164 -11.54 3.89 9.66
C ALA B 164 -12.52 5.04 9.83
N VAL B 165 -12.10 6.03 10.62
CA VAL B 165 -12.94 7.21 10.94
C VAL B 165 -12.03 8.45 10.95
N LEU B 166 -12.58 9.60 11.33
CA LEU B 166 -11.84 10.87 11.32
C LEU B 166 -11.93 11.54 12.68
N ALA B 167 -10.77 11.89 13.25
CA ALA B 167 -10.69 12.62 14.54
C ALA B 167 -10.75 14.12 14.21
N VAL B 168 -11.84 14.78 14.57
CA VAL B 168 -12.06 16.20 14.19
C VAL B 168 -11.86 17.12 15.41
N GLY B 169 -11.48 16.56 16.56
CA GLY B 169 -11.25 17.36 17.77
C GLY B 169 -11.09 16.53 19.00
N TYR B 170 -11.05 17.21 20.13
CA TYR B 170 -10.88 16.56 21.45
C TYR B 170 -11.32 17.55 22.50
N GLY B 171 -11.61 17.01 23.66
CA GLY B 171 -12.05 17.85 24.79
C GLY B 171 -12.34 17.01 26.00
N ILE B 172 -13.30 17.44 26.81
CA ILE B 172 -13.62 16.78 28.12
C ILE B 172 -15.11 16.96 28.35
N GLN B 173 -15.80 15.92 28.83
CA GLN B 173 -17.24 16.04 29.13
C GLN B 173 -17.46 15.43 30.51
N LYS B 174 -17.90 16.25 31.46
CA LYS B 174 -18.11 15.83 32.86
C LYS B 174 -16.90 15.04 33.38
N GLY B 175 -15.70 15.59 33.19
CA GLY B 175 -14.44 15.01 33.71
C GLY B 175 -13.85 13.91 32.84
N ASN B 176 -14.54 13.40 31.83
CA ASN B 176 -14.07 12.30 30.95
C ASN B 176 -13.46 12.91 29.68
N LYS B 177 -12.14 12.79 29.51
CA LYS B 177 -11.45 13.30 28.31
C LYS B 177 -11.90 12.47 27.09
N HIS B 178 -12.02 13.12 25.96
CA HIS B 178 -12.55 12.45 24.75
C HIS B 178 -11.89 12.96 23.47
N TRP B 179 -12.04 12.12 22.46
CA TRP B 179 -11.84 12.40 21.04
C TRP B 179 -13.22 12.67 20.42
N ILE B 180 -13.30 13.66 19.53
CA ILE B 180 -14.52 13.88 18.69
C ILE B 180 -14.31 13.16 17.35
N ILE B 181 -15.15 12.16 17.07
CA ILE B 181 -14.94 11.25 15.92
C ILE B 181 -16.11 11.39 14.94
N LYS B 182 -15.81 11.61 13.67
CA LYS B 182 -16.79 11.66 12.56
C LYS B 182 -16.85 10.26 11.93
N ASN B 183 -18.03 9.66 11.88
CA ASN B 183 -18.23 8.33 11.26
C ASN B 183 -18.81 8.53 9.84
N SER B 184 -18.95 7.46 9.06
CA SER B 184 -19.48 7.52 7.67
C SER B 184 -20.68 6.55 7.57
N TRP B 185 -21.52 6.48 8.62
CA TRP B 185 -22.72 5.59 8.63
C TRP B 185 -23.99 6.46 8.63
N GLY B 186 -23.92 7.68 8.11
CA GLY B 186 -25.10 8.58 8.00
C GLY B 186 -25.36 9.36 9.30
N GLU B 187 -26.20 10.40 9.23
CA GLU B 187 -26.58 11.24 10.39
C GLU B 187 -27.53 10.51 11.35
N ASN B 188 -28.11 9.39 10.90
CA ASN B 188 -29.02 8.55 11.70
C ASN B 188 -28.22 7.66 12.66
N TRP B 189 -26.91 7.55 12.51
CA TRP B 189 -26.09 6.72 13.44
C TRP B 189 -25.55 7.61 14.56
N GLY B 190 -25.39 7.08 15.76
CA GLY B 190 -24.68 7.79 16.84
C GLY B 190 -25.36 9.08 17.20
N ASN B 191 -24.59 10.13 17.45
CA ASN B 191 -25.10 11.47 17.75
C ASN B 191 -24.94 12.31 16.48
N LYS B 192 -25.94 12.30 15.59
CA LYS B 192 -25.91 13.04 14.31
C LYS B 192 -24.69 12.59 13.50
N GLY B 193 -24.29 11.33 13.62
CA GLY B 193 -23.20 10.75 12.83
C GLY B 193 -21.85 10.77 13.53
N TYR B 194 -21.78 11.36 14.74
CA TYR B 194 -20.56 11.50 15.56
C TYR B 194 -20.60 10.61 16.81
N ILE B 195 -19.41 10.35 17.35
CA ILE B 195 -19.20 9.64 18.63
C ILE B 195 -18.08 10.36 19.40
N LEU B 196 -18.26 10.53 20.71
CA LEU B 196 -17.15 10.92 21.59
C LEU B 196 -16.49 9.66 22.13
N MET B 197 -15.19 9.51 21.96
CA MET B 197 -14.48 8.27 22.36
C MET B 197 -13.43 8.59 23.45
N ALA B 198 -13.31 7.73 24.46
CA ALA B 198 -12.41 7.96 25.62
C ALA B 198 -10.99 8.29 25.15
N ARG B 199 -10.43 9.35 25.71
CA ARG B 199 -9.07 9.88 25.47
C ARG B 199 -8.22 9.75 26.74
N ASN B 200 -6.96 9.39 26.54
CA ASN B 200 -5.95 9.18 27.61
C ASN B 200 -6.49 8.10 28.56
N LYS B 201 -7.10 7.06 28.01
CA LYS B 201 -7.60 5.88 28.76
C LYS B 201 -6.96 4.63 28.15
N ASN B 202 -5.64 4.56 28.19
CA ASN B 202 -4.86 3.35 27.80
C ASN B 202 -5.13 3.08 26.31
N ASN B 203 -5.18 4.14 25.50
CA ASN B 203 -5.34 4.06 24.04
C ASN B 203 -6.58 3.22 23.71
N ALA B 204 -7.72 3.57 24.31
CA ALA B 204 -9.00 2.83 24.18
C ALA B 204 -9.39 2.67 22.70
N CYS B 205 -9.75 1.45 22.34
CA CYS B 205 -10.17 1.02 20.99
C CYS B 205 -9.06 1.23 19.95
N GLY B 206 -7.82 1.46 20.37
CA GLY B 206 -6.63 1.51 19.47
C GLY B 206 -6.49 2.82 18.72
N ILE B 207 -7.12 3.89 19.20
CA ILE B 207 -7.32 5.16 18.45
C ILE B 207 -5.99 5.74 17.96
N ALA B 208 -4.87 5.59 18.68
CA ALA B 208 -3.55 6.14 18.27
C ALA B 208 -2.64 5.08 17.64
N ASN B 209 -3.16 3.93 17.22
CA ASN B 209 -2.27 2.86 16.68
C ASN B 209 -2.14 2.93 15.16
N LEU B 210 -3.08 3.54 14.43
CA LEU B 210 -2.97 3.66 12.94
C LEU B 210 -3.50 5.02 12.48
N ALA B 211 -2.94 6.11 12.99
CA ALA B 211 -3.37 7.50 12.70
C ALA B 211 -2.43 8.07 11.64
N SER B 212 -2.95 8.84 10.70
CA SER B 212 -2.11 9.53 9.69
C SER B 212 -2.79 10.79 9.21
N PHE B 213 -2.01 11.70 8.66
CA PHE B 213 -2.55 12.93 8.03
C PHE B 213 -1.78 13.20 6.73
N PRO B 214 -2.49 13.76 5.74
CA PRO B 214 -1.88 14.20 4.50
C PRO B 214 -1.24 15.58 4.67
N LYS B 215 -0.21 15.83 3.86
CA LYS B 215 0.48 17.14 3.82
C LYS B 215 0.05 17.84 2.55
N MET B 216 -0.23 19.12 2.64
CA MET B 216 -0.60 19.94 1.46
C MET B 216 0.30 21.18 1.34
#